data_3MNZ
#
_entry.id   3MNZ
#
_cell.length_a   66.890
_cell.length_b   121.692
_cell.length_c   58.097
_cell.angle_alpha   90.00
_cell.angle_beta   90.00
_cell.angle_gamma   90.00
#
_symmetry.space_group_name_H-M   'P 21 21 2'
#
loop_
_entity.id
_entity.type
_entity.pdbx_description
1 polymer 'gp41 MPER-derived peptide'
2 polymer 'ANTI-HIV-1 ANTIBODY 13H11 LIGHT CHAIN'
3 polymer 'ANTI-HIV-1 ANTIBODY 13H11 HEAVY CHAIN'
4 non-polymer 'SODIUM ION'
5 water water
#
loop_
_entity_poly.entity_id
_entity_poly.type
_entity_poly.pdbx_seq_one_letter_code
_entity_poly.pdbx_strand_id
1 'polypeptide(L)' AQAKNAQELLELDKWASLWN(NH2) P
2 'polypeptide(L)'
;RLDIQLTQSPSSLAMSGGQKVTMRCKSSQSLLNSRNERNYLAWYQQKPGQSPKLLVYFASIRESGVPDRFIGSGSGTDFT
LTISSVQAEDLADYFCLQHYNTPWTFGGGTKLEIKRTVAAPSVFIFPPSDEQLKSGTASVVCLLNNFYPREAKVQWKVDN
ALQSGNSQESVTEQDSKDSTYSLSSTLTLSKADYEKHKVYACEVTHQGLSSPVTKSFNRGECGS
;
A
3 'polypeptide(L)'
;LQIQLVQSGPELKKPGETVKISCKASGYTFTDYSVHWVKQVPGKGLKWMGWINTETGEPTYADDFKGRFAFSLESSASTA
YLEIHNLKNEDTATYFCALGWLHWGLGTTLTVSSASTKGPSVFPLAPSSKSTSGGTAALGCLVKDYFPEPVTVSWNSGAL
TSGVHTFPAVLQSSGLYSLSSVVTVPSSSLGTQTYICNVNHKPSNTKVDKRVEPKSCDK
;
B
#
# COMPACT_ATOMS: atom_id res chain seq x y z
N ASN A 5 -23.94 -36.58 -4.47
CA ASN A 5 -23.59 -36.13 -5.81
C ASN A 5 -22.45 -35.12 -5.80
N ALA A 6 -22.06 -34.64 -6.98
CA ALA A 6 -20.91 -33.75 -7.10
C ALA A 6 -21.09 -32.47 -6.30
N GLN A 7 -22.31 -31.93 -6.32
CA GLN A 7 -22.57 -30.67 -5.63
C GLN A 7 -22.44 -30.86 -4.13
N GLU A 8 -23.06 -31.92 -3.61
CA GLU A 8 -23.00 -32.22 -2.19
C GLU A 8 -21.57 -32.50 -1.74
N LEU A 9 -20.82 -33.21 -2.60
CA LEU A 9 -19.44 -33.56 -2.29
C LEU A 9 -18.58 -32.30 -2.20
N LEU A 10 -18.83 -31.34 -3.09
CA LEU A 10 -18.08 -30.09 -3.09
C LEU A 10 -18.33 -29.29 -1.81
N GLU A 11 -19.58 -29.22 -1.38
CA GLU A 11 -19.91 -28.54 -0.13
C GLU A 11 -19.23 -29.21 1.06
N LEU A 12 -19.22 -30.54 1.06
CA LEU A 12 -18.57 -31.30 2.11
C LEU A 12 -17.10 -30.97 2.22
N ASP A 13 -16.41 -31.08 1.09
CA ASP A 13 -14.98 -30.84 1.04
C ASP A 13 -14.66 -29.40 1.42
N LYS A 14 -15.45 -28.49 0.87
CA LYS A 14 -15.26 -27.07 1.09
C LYS A 14 -15.27 -26.75 2.58
N TRP A 15 -16.35 -27.12 3.26
CA TRP A 15 -16.48 -26.79 4.66
C TRP A 15 -15.57 -27.62 5.57
N ALA A 16 -15.35 -28.88 5.21
CA ALA A 16 -14.42 -29.71 5.98
C ALA A 16 -13.02 -29.08 5.98
N SER A 17 -12.64 -28.44 4.88
CA SER A 17 -11.31 -27.84 4.79
C SER A 17 -11.18 -26.62 5.70
N LEU A 18 -12.29 -26.17 6.29
CA LEU A 18 -12.31 -24.94 7.10
C LEU A 18 -12.47 -25.27 8.57
N TRP A 19 -12.70 -26.54 8.87
CA TRP A 19 -12.85 -27.05 10.23
C TRP A 19 -11.70 -26.70 11.17
N ASN A 20 -12.01 -26.61 12.50
CA ASN A 20 -11.00 -26.60 13.55
C ASN A 20 -10.27 -27.93 13.54
N LEU B 2 9.24 -28.88 6.75
CA LEU B 2 9.64 -27.76 5.91
C LEU B 2 8.42 -26.94 5.48
N ASP B 3 8.59 -25.63 5.38
CA ASP B 3 7.51 -24.74 4.99
C ASP B 3 7.32 -24.76 3.47
N ILE B 4 6.06 -24.74 3.04
CA ILE B 4 5.75 -24.76 1.62
C ILE B 4 6.11 -23.36 1.13
N GLN B 5 6.90 -23.29 0.07
CA GLN B 5 7.18 -22.04 -0.61
C GLN B 5 6.28 -21.88 -1.82
N LEU B 6 5.87 -20.64 -2.07
CA LEU B 6 5.09 -20.32 -3.26
C LEU B 6 5.78 -19.22 -4.05
N THR B 7 5.99 -19.47 -5.33
CA THR B 7 6.62 -18.47 -6.18
C THR B 7 5.59 -18.01 -7.18
N GLN B 8 5.28 -16.72 -7.17
CA GLN B 8 4.32 -16.15 -8.10
C GLN B 8 4.98 -15.28 -9.16
N SER B 9 4.59 -15.48 -10.42
CA SER B 9 5.07 -14.66 -11.53
C SER B 9 3.96 -14.37 -12.53
N PRO B 10 4.04 -13.22 -13.23
CA PRO B 10 5.05 -12.18 -13.02
C PRO B 10 4.68 -11.27 -11.86
N SER B 11 5.65 -10.58 -11.30
CA SER B 11 5.37 -9.69 -10.18
C SER B 11 4.58 -8.47 -10.66
N SER B 12 4.75 -8.13 -11.93
CA SER B 12 4.03 -7.01 -12.52
C SER B 12 3.63 -7.34 -13.96
N LEU B 13 2.46 -6.88 -14.36
CA LEU B 13 2.00 -7.09 -15.72
C LEU B 13 1.27 -5.85 -16.23
N ALA B 14 1.75 -5.31 -17.36
CA ALA B 14 1.13 -4.16 -18.00
C ALA B 14 0.18 -4.64 -19.08
N MET B 15 -1.10 -4.33 -18.90
CA MET B 15 -2.14 -4.91 -19.74
C MET B 15 -2.82 -3.90 -20.65
N SER B 16 -3.54 -4.45 -21.63
CA SER B 16 -4.42 -3.67 -22.48
C SER B 16 -5.80 -4.30 -22.35
N GLY B 17 -6.82 -3.48 -22.16
CA GLY B 17 -8.19 -3.99 -22.10
C GLY B 17 -8.51 -4.98 -23.20
N GLY B 18 -9.00 -6.14 -22.81
CA GLY B 18 -9.42 -7.16 -23.75
C GLY B 18 -8.39 -8.26 -23.94
N GLN B 19 -7.17 -8.05 -23.45
CA GLN B 19 -6.13 -9.06 -23.61
C GLN B 19 -6.32 -10.23 -22.66
N LYS B 20 -5.69 -11.36 -22.99
CA LYS B 20 -5.62 -12.50 -22.10
C LYS B 20 -4.44 -12.28 -21.16
N VAL B 21 -4.71 -12.40 -19.86
CA VAL B 21 -3.70 -12.21 -18.83
C VAL B 21 -3.48 -13.54 -18.12
N THR B 22 -2.21 -13.93 -17.96
CA THR B 22 -1.88 -15.18 -17.30
C THR B 22 -0.86 -14.96 -16.19
N MET B 23 -1.13 -15.54 -15.02
CA MET B 23 -0.17 -15.47 -13.94
C MET B 23 -0.05 -16.86 -13.31
N ARG B 24 1.10 -17.13 -12.72
CA ARG B 24 1.42 -18.48 -12.30
C ARG B 24 1.84 -18.55 -10.85
N CYS B 25 1.61 -19.72 -10.25
CA CYS B 25 1.95 -19.97 -8.87
C CYS B 25 2.64 -21.31 -8.82
N LYS B 26 3.88 -21.35 -8.34
CA LYS B 26 4.59 -22.62 -8.19
C LYS B 26 4.89 -22.93 -6.74
N SER B 27 4.50 -24.12 -6.29
CA SER B 27 4.70 -24.52 -4.90
C SER B 27 5.87 -25.50 -4.76
N SER B 28 6.51 -25.48 -3.60
CA SER B 28 7.68 -26.34 -3.34
C SER B 28 7.25 -27.76 -2.99
N GLN B 29 5.97 -27.93 -2.71
CA GLN B 29 5.44 -29.23 -2.37
C GLN B 29 4.04 -29.36 -2.96
N SER B 30 3.65 -30.58 -3.33
CA SER B 30 2.31 -30.79 -3.86
C SER B 30 1.23 -30.32 -2.90
N LEU B 31 0.22 -29.64 -3.45
CA LEU B 31 -0.91 -29.16 -2.68
C LEU B 31 -2.14 -30.06 -2.85
N LEU B 32 -1.95 -31.23 -3.46
CA LEU B 32 -3.05 -32.15 -3.70
C LEU B 32 -3.33 -33.06 -2.50
N ASN B 33 -4.52 -32.96 -1.91
CA ASN B 33 -4.91 -33.85 -0.82
C ASN B 33 -5.42 -35.15 -1.43
N SER B 34 -4.69 -36.23 -1.21
CA SER B 34 -5.06 -37.52 -1.78
C SER B 34 -6.39 -38.04 -1.23
N ARG B 35 -6.76 -37.60 -0.04
CA ARG B 35 -7.96 -38.07 0.63
C ARG B 35 -9.25 -37.55 -0.02
N ASN B 36 -9.19 -36.36 -0.61
CA ASN B 36 -10.35 -35.83 -1.32
C ASN B 36 -10.06 -35.33 -2.74
N GLU B 37 -8.81 -35.47 -3.17
CA GLU B 37 -8.39 -35.08 -4.53
C GLU B 37 -8.65 -33.61 -4.85
N ARG B 38 -8.63 -32.76 -3.82
CA ARG B 38 -8.65 -31.31 -4.03
C ARG B 38 -7.25 -30.74 -3.89
N ASN B 39 -6.95 -29.70 -4.67
CA ASN B 39 -5.72 -28.94 -4.49
C ASN B 39 -5.98 -27.75 -3.59
N TYR B 40 -5.20 -27.61 -2.54
CA TYR B 40 -5.46 -26.59 -1.53
C TYR B 40 -4.76 -25.29 -1.90
N LEU B 41 -5.21 -24.69 -2.98
CA LEU B 41 -4.70 -23.41 -3.43
C LEU B 41 -5.88 -22.51 -3.77
N ALA B 42 -5.82 -21.25 -3.34
CA ALA B 42 -6.87 -20.29 -3.68
C ALA B 42 -6.24 -19.06 -4.33
N TRP B 43 -7.02 -18.38 -5.16
CA TRP B 43 -6.58 -17.12 -5.77
C TRP B 43 -7.46 -15.96 -5.30
N TYR B 44 -6.83 -14.82 -5.04
CA TYR B 44 -7.54 -13.61 -4.58
C TYR B 44 -7.21 -12.40 -5.42
N GLN B 45 -8.16 -11.48 -5.47
CA GLN B 45 -7.98 -10.15 -6.01
C GLN B 45 -7.96 -9.14 -4.87
N GLN B 46 -7.03 -8.18 -4.91
CA GLN B 46 -7.01 -7.13 -3.90
C GLN B 46 -6.77 -5.76 -4.51
N LYS B 47 -7.75 -4.89 -4.38
CA LYS B 47 -7.60 -3.50 -4.80
C LYS B 47 -7.07 -2.61 -3.68
N PRO B 48 -6.47 -1.47 -4.04
CA PRO B 48 -5.87 -0.58 -3.04
C PRO B 48 -6.86 -0.24 -1.93
N GLY B 49 -6.41 -0.39 -0.69
CA GLY B 49 -7.22 -0.03 0.46
C GLY B 49 -8.41 -0.93 0.67
N GLN B 50 -8.42 -2.07 -0.01
CA GLN B 50 -9.51 -3.02 0.18
C GLN B 50 -8.99 -4.36 0.68
N SER B 51 -9.91 -5.21 1.08
CA SER B 51 -9.56 -6.54 1.55
C SER B 51 -9.53 -7.50 0.35
N PRO B 52 -8.80 -8.62 0.48
CA PRO B 52 -8.77 -9.63 -0.57
C PRO B 52 -10.14 -10.24 -0.78
N LYS B 53 -10.45 -10.51 -2.04
CA LYS B 53 -11.70 -11.15 -2.45
C LYS B 53 -11.35 -12.46 -3.13
N LEU B 54 -11.97 -13.55 -2.67
CA LEU B 54 -11.76 -14.86 -3.28
C LEU B 54 -12.24 -14.93 -4.73
N LEU B 55 -11.37 -15.38 -5.62
CA LEU B 55 -11.72 -15.57 -7.02
C LEU B 55 -11.94 -17.04 -7.35
N VAL B 56 -10.98 -17.87 -6.97
CA VAL B 56 -11.00 -19.30 -7.31
C VAL B 56 -10.51 -20.07 -6.10
N TYR B 57 -11.15 -21.22 -5.83
CA TYR B 57 -10.70 -22.06 -4.72
C TYR B 57 -10.54 -23.51 -5.17
N PHE B 58 -9.89 -24.32 -4.33
CA PHE B 58 -9.49 -25.66 -4.72
C PHE B 58 -8.86 -25.60 -6.12
N ALA B 59 -8.05 -24.57 -6.36
CA ALA B 59 -7.29 -24.41 -7.59
C ALA B 59 -8.08 -24.05 -8.86
N SER B 60 -9.21 -24.70 -9.10
CA SER B 60 -9.91 -24.54 -10.38
C SER B 60 -11.40 -24.24 -10.26
N ILE B 61 -11.88 -24.08 -9.04
CA ILE B 61 -13.31 -23.81 -8.85
C ILE B 61 -13.57 -22.31 -8.69
N ARG B 62 -14.21 -21.69 -9.68
CA ARG B 62 -14.56 -20.28 -9.61
C ARG B 62 -15.56 -20.04 -8.48
N GLU B 63 -15.30 -19.01 -7.68
CA GLU B 63 -16.19 -18.64 -6.59
C GLU B 63 -17.49 -18.10 -7.18
N SER B 64 -18.61 -18.40 -6.53
CA SER B 64 -19.90 -17.98 -7.04
C SER B 64 -19.98 -16.45 -7.09
N GLY B 65 -20.41 -15.91 -8.22
CA GLY B 65 -20.54 -14.47 -8.36
C GLY B 65 -19.36 -13.82 -9.06
N VAL B 66 -18.28 -14.59 -9.22
CA VAL B 66 -17.06 -14.09 -9.87
C VAL B 66 -17.20 -14.26 -11.37
N PRO B 67 -16.91 -13.19 -12.13
CA PRO B 67 -17.13 -13.25 -13.60
C PRO B 67 -16.38 -14.39 -14.28
N ASP B 68 -16.96 -14.94 -15.34
CA ASP B 68 -16.39 -16.14 -15.95
C ASP B 68 -15.09 -15.93 -16.72
N ARG B 69 -14.64 -14.68 -16.83
CA ARG B 69 -13.34 -14.41 -17.42
C ARG B 69 -12.18 -14.89 -16.52
N PHE B 70 -12.46 -15.12 -15.23
CA PHE B 70 -11.47 -15.64 -14.29
C PHE B 70 -11.45 -17.17 -14.29
N ILE B 71 -10.29 -17.77 -14.54
CA ILE B 71 -10.15 -19.22 -14.64
C ILE B 71 -8.90 -19.74 -13.96
N GLY B 72 -9.07 -20.68 -13.02
CA GLY B 72 -7.92 -21.30 -12.40
C GLY B 72 -7.65 -22.69 -12.96
N SER B 73 -6.39 -23.07 -13.02
CA SER B 73 -6.03 -24.40 -13.48
C SER B 73 -4.72 -24.87 -12.85
N GLY B 74 -4.36 -26.12 -13.09
CA GLY B 74 -3.14 -26.68 -12.55
C GLY B 74 -3.42 -27.74 -11.51
N SER B 75 -2.37 -28.42 -11.05
CA SER B 75 -2.49 -29.47 -10.05
C SER B 75 -1.10 -29.75 -9.52
N GLY B 76 -1.02 -30.25 -8.31
CA GLY B 76 0.27 -30.59 -7.71
C GLY B 76 1.08 -29.38 -7.30
N THR B 77 2.06 -29.00 -8.12
CA THR B 77 2.98 -27.92 -7.78
C THR B 77 2.86 -26.68 -8.68
N ASP B 78 2.09 -26.80 -9.76
CA ASP B 78 2.03 -25.71 -10.73
C ASP B 78 0.60 -25.25 -11.00
N PHE B 79 0.35 -23.96 -10.75
CA PHE B 79 -0.99 -23.42 -10.89
C PHE B 79 -1.00 -22.12 -11.69
N THR B 80 -2.13 -21.82 -12.31
CA THR B 80 -2.25 -20.59 -13.08
CA THR B 80 -2.15 -20.60 -13.06
C THR B 80 -3.62 -19.95 -12.89
N LEU B 81 -3.64 -18.63 -12.91
CA LEU B 81 -4.86 -17.86 -12.95
C LEU B 81 -4.86 -17.11 -14.28
N THR B 82 -5.93 -17.27 -15.05
CA THR B 82 -6.06 -16.61 -16.33
C THR B 82 -7.24 -15.66 -16.28
N ILE B 83 -7.06 -14.45 -16.83
CA ILE B 83 -8.18 -13.55 -17.06
C ILE B 83 -8.36 -13.48 -18.58
N SER B 84 -9.45 -14.03 -19.08
CA SER B 84 -9.57 -14.26 -20.51
C SER B 84 -9.71 -12.99 -21.35
N SER B 85 -10.41 -12.01 -20.81
CA SER B 85 -10.58 -10.73 -21.52
C SER B 85 -10.55 -9.66 -20.47
N VAL B 86 -9.34 -9.18 -20.16
CA VAL B 86 -9.16 -8.34 -18.98
C VAL B 86 -9.81 -6.96 -19.15
N GLN B 87 -10.36 -6.45 -18.05
CA GLN B 87 -11.14 -5.23 -18.05
C GLN B 87 -10.41 -4.21 -17.20
N ALA B 88 -10.67 -2.93 -17.46
CA ALA B 88 -10.12 -1.88 -16.60
C ALA B 88 -10.47 -2.10 -15.12
N GLU B 89 -11.67 -2.59 -14.85
CA GLU B 89 -12.05 -2.82 -13.45
C GLU B 89 -11.23 -3.93 -12.77
N ASP B 90 -10.46 -4.69 -13.56
CA ASP B 90 -9.65 -5.77 -13.00
C ASP B 90 -8.26 -5.29 -12.55
N LEU B 91 -7.96 -4.00 -12.72
CA LEU B 91 -6.68 -3.46 -12.23
C LEU B 91 -6.65 -3.62 -10.72
N ALA B 92 -5.63 -4.32 -10.23
CA ALA B 92 -5.60 -4.79 -8.84
C ALA B 92 -4.33 -5.60 -8.65
N ASP B 93 -4.09 -6.03 -7.40
CA ASP B 93 -3.07 -7.04 -7.13
C ASP B 93 -3.79 -8.38 -7.05
N TYR B 94 -3.07 -9.44 -7.41
CA TYR B 94 -3.61 -10.80 -7.39
C TYR B 94 -2.60 -11.66 -6.68
N PHE B 95 -3.06 -12.60 -5.87
CA PHE B 95 -2.10 -13.49 -5.27
C PHE B 95 -2.71 -14.85 -4.98
N CYS B 96 -1.84 -15.84 -4.89
CA CYS B 96 -2.25 -17.19 -4.54
C CYS B 96 -1.98 -17.45 -3.07
N LEU B 97 -2.67 -18.45 -2.53
CA LEU B 97 -2.51 -18.86 -1.16
C LEU B 97 -2.54 -20.37 -1.13
N GLN B 98 -1.56 -21.00 -0.48
CA GLN B 98 -1.63 -22.43 -0.23
C GLN B 98 -2.10 -22.60 1.20
N HIS B 99 -3.11 -23.44 1.39
CA HIS B 99 -3.64 -23.75 2.72
C HIS B 99 -3.62 -25.27 2.93
N TYR B 100 -2.68 -25.93 2.28
CA TYR B 100 -2.49 -27.37 2.40
C TYR B 100 -1.96 -27.73 3.79
N ASN B 101 -0.87 -27.07 4.21
CA ASN B 101 -0.31 -27.23 5.55
C ASN B 101 -0.03 -25.87 6.17
N THR B 102 -0.05 -25.78 7.51
CA THR B 102 0.43 -24.57 8.17
C THR B 102 1.96 -24.64 8.27
N PRO B 103 2.65 -23.48 8.21
CA PRO B 103 2.08 -22.15 8.00
C PRO B 103 1.56 -21.96 6.58
N TRP B 104 0.40 -21.32 6.48
CA TRP B 104 -0.17 -20.96 5.20
C TRP B 104 0.82 -19.98 4.55
N THR B 105 0.94 -20.03 3.23
CA THR B 105 1.91 -19.19 2.55
C THR B 105 1.27 -18.50 1.33
N PHE B 106 1.69 -17.26 1.10
CA PHE B 106 1.13 -16.47 0.02
C PHE B 106 2.17 -16.26 -1.05
N GLY B 107 1.76 -16.27 -2.32
CA GLY B 107 2.65 -15.87 -3.39
C GLY B 107 2.93 -14.38 -3.23
N GLY B 108 3.96 -13.89 -3.92
CA GLY B 108 4.40 -12.51 -3.80
C GLY B 108 3.49 -11.52 -4.49
N GLY B 109 2.53 -12.03 -5.27
CA GLY B 109 1.54 -11.20 -5.91
C GLY B 109 1.89 -10.80 -7.33
N THR B 110 0.87 -10.48 -8.12
CA THR B 110 1.04 -9.92 -9.46
C THR B 110 0.28 -8.61 -9.45
N LYS B 111 0.96 -7.52 -9.78
CA LYS B 111 0.28 -6.24 -9.87
C LYS B 111 -0.02 -5.90 -11.31
N LEU B 112 -1.30 -5.72 -11.62
CA LEU B 112 -1.75 -5.38 -12.97
C LEU B 112 -1.77 -3.87 -13.09
N GLU B 113 -1.22 -3.36 -14.20
CA GLU B 113 -1.26 -1.93 -14.49
C GLU B 113 -1.65 -1.78 -15.95
N ILE B 114 -1.99 -0.55 -16.33
CA ILE B 114 -2.27 -0.23 -17.73
C ILE B 114 -0.97 0.01 -18.51
N LYS B 115 -0.83 -0.66 -19.64
CA LYS B 115 0.32 -0.39 -20.50
C LYS B 115 0.10 0.88 -21.32
N ARG B 116 1.17 1.63 -21.54
CA ARG B 116 1.11 2.80 -22.41
C ARG B 116 2.50 3.01 -23.00
N THR B 117 2.64 3.98 -23.88
CA THR B 117 3.94 4.28 -24.46
C THR B 117 4.90 4.84 -23.42
N VAL B 118 6.20 4.72 -23.68
CA VAL B 118 7.21 5.25 -22.78
C VAL B 118 7.08 6.77 -22.69
N ALA B 119 7.14 7.27 -21.45
CA ALA B 119 7.01 8.69 -21.20
C ALA B 119 8.07 9.15 -20.21
N ALA B 120 8.89 10.11 -20.63
CA ALA B 120 9.96 10.62 -19.78
C ALA B 120 9.35 11.53 -18.72
N PRO B 121 9.93 11.53 -17.50
CA PRO B 121 9.40 12.46 -16.50
C PRO B 121 9.84 13.89 -16.79
N SER B 122 9.00 14.85 -16.42
CA SER B 122 9.38 16.23 -16.33
C SER B 122 9.87 16.41 -14.92
N VAL B 123 11.09 16.91 -14.76
CA VAL B 123 11.75 16.96 -13.47
C VAL B 123 11.84 18.40 -12.93
N PHE B 124 11.58 18.57 -11.64
CA PHE B 124 11.62 19.90 -11.03
C PHE B 124 12.26 19.73 -9.66
N ILE B 125 13.01 20.74 -9.22
CA ILE B 125 13.60 20.71 -7.88
C ILE B 125 13.14 21.94 -7.08
N PHE B 126 12.84 21.74 -5.80
CA PHE B 126 12.35 22.81 -4.92
C PHE B 126 13.23 22.94 -3.68
N PRO B 127 13.80 24.13 -3.48
CA PRO B 127 14.56 24.46 -2.27
C PRO B 127 13.59 24.47 -1.10
N PRO B 128 14.12 24.32 0.12
CA PRO B 128 13.27 24.55 1.29
C PRO B 128 12.86 26.00 1.37
N SER B 129 11.69 26.26 1.93
CA SER B 129 11.22 27.62 2.11
C SER B 129 11.96 28.28 3.26
N ASP B 130 12.06 29.61 3.22
CA ASP B 130 12.66 30.32 4.34
C ASP B 130 11.91 30.07 5.66
N GLU B 131 10.58 29.97 5.56
CA GLU B 131 9.74 29.71 6.72
C GLU B 131 10.14 28.40 7.41
N GLN B 132 10.34 27.34 6.62
CA GLN B 132 10.73 26.07 7.19
C GLN B 132 12.09 26.14 7.89
N LEU B 133 13.04 26.83 7.26
CA LEU B 133 14.39 26.89 7.81
C LEU B 133 14.39 27.45 9.24
N LYS B 134 13.41 28.28 9.56
CA LYS B 134 13.28 28.80 10.91
C LYS B 134 13.09 27.66 11.90
N SER B 135 12.43 26.60 11.45
CA SER B 135 12.12 25.45 12.30
C SER B 135 13.37 24.67 12.66
N GLY B 136 14.44 24.84 11.89
CA GLY B 136 15.68 24.13 12.12
C GLY B 136 15.82 22.89 11.26
N THR B 137 14.90 22.73 10.30
CA THR B 137 14.95 21.63 9.34
C THR B 137 14.77 22.13 7.91
N ALA B 138 15.38 21.43 6.96
CA ALA B 138 15.28 21.79 5.56
C ALA B 138 14.79 20.57 4.81
N SER B 139 13.73 20.73 4.02
CA SER B 139 13.27 19.68 3.13
C SER B 139 13.55 20.14 1.70
N VAL B 140 14.27 19.32 0.95
CA VAL B 140 14.52 19.57 -0.47
C VAL B 140 13.74 18.53 -1.28
N VAL B 141 12.94 19.01 -2.22
CA VAL B 141 12.02 18.10 -2.91
C VAL B 141 12.31 18.02 -4.39
N CYS B 142 12.39 16.79 -4.90
CA CYS B 142 12.57 16.56 -6.33
C CYS B 142 11.31 15.89 -6.86
N LEU B 143 10.74 16.48 -7.90
CA LEU B 143 9.50 15.98 -8.46
C LEU B 143 9.75 15.38 -9.83
N LEU B 144 9.30 14.15 -10.03
CA LEU B 144 9.29 13.52 -11.35
C LEU B 144 7.83 13.41 -11.80
N ASN B 145 7.48 14.19 -12.82
CA ASN B 145 6.08 14.39 -13.20
C ASN B 145 5.68 13.59 -14.42
N ASN B 146 4.65 12.76 -14.26
CA ASN B 146 4.01 12.04 -15.37
C ASN B 146 4.93 11.21 -16.26
N PHE B 147 5.38 10.06 -15.77
CA PHE B 147 6.29 9.23 -16.53
C PHE B 147 5.80 7.78 -16.59
N TYR B 148 6.34 7.03 -17.55
CA TYR B 148 6.03 5.63 -17.69
C TYR B 148 7.17 4.98 -18.45
N PRO B 149 7.60 3.78 -18.03
CA PRO B 149 7.05 3.00 -16.92
C PRO B 149 7.49 3.48 -15.54
N ARG B 150 7.05 2.75 -14.52
CA ARG B 150 7.29 3.14 -13.13
C ARG B 150 8.77 3.21 -12.74
N GLU B 151 9.60 2.38 -13.37
CA GLU B 151 11.02 2.31 -13.00
C GLU B 151 11.73 3.63 -13.23
N ALA B 152 12.42 4.13 -12.20
CA ALA B 152 13.20 5.35 -12.31
C ALA B 152 14.27 5.44 -11.21
N LYS B 153 15.37 6.11 -11.55
CA LYS B 153 16.46 6.26 -10.61
C LYS B 153 16.61 7.73 -10.28
N VAL B 154 16.55 8.07 -9.00
CA VAL B 154 16.68 9.46 -8.56
C VAL B 154 17.85 9.57 -7.61
N GLN B 155 18.89 10.28 -8.02
CA GLN B 155 20.09 10.40 -7.19
C GLN B 155 20.28 11.83 -6.74
N TRP B 156 20.30 12.01 -5.42
CA TRP B 156 20.62 13.30 -4.84
C TRP B 156 22.11 13.55 -4.85
N LYS B 157 22.48 14.80 -5.11
CA LYS B 157 23.87 15.21 -4.94
C LYS B 157 23.94 16.53 -4.18
N VAL B 158 24.92 16.64 -3.30
CA VAL B 158 25.09 17.82 -2.45
C VAL B 158 26.54 18.26 -2.63
N ASP B 159 26.75 19.50 -3.06
CA ASP B 159 28.08 19.95 -3.45
C ASP B 159 28.73 18.98 -4.44
N ASN B 160 27.91 18.46 -5.34
CA ASN B 160 28.36 17.63 -6.47
C ASN B 160 28.80 16.24 -6.07
N ALA B 161 28.60 15.88 -4.80
CA ALA B 161 28.91 14.52 -4.33
C ALA B 161 27.63 13.73 -4.10
N LEU B 162 27.68 12.42 -4.34
CA LEU B 162 26.52 11.57 -4.12
C LEU B 162 26.04 11.66 -2.68
N GLN B 163 24.74 11.83 -2.52
CA GLN B 163 24.12 11.85 -1.21
C GLN B 163 23.06 10.78 -1.25
N SER B 164 23.32 9.64 -0.62
CA SER B 164 22.36 8.54 -0.73
C SER B 164 21.46 8.36 0.49
N GLY B 165 21.82 9.03 1.59
CA GLY B 165 21.02 8.98 2.79
C GLY B 165 20.01 10.10 2.90
N ASN B 166 19.18 10.04 3.93
CA ASN B 166 18.23 11.09 4.28
C ASN B 166 17.16 11.42 3.23
N SER B 167 16.84 10.48 2.36
CA SER B 167 15.81 10.74 1.36
C SER B 167 14.75 9.65 1.32
N GLN B 168 13.54 10.05 0.95
CA GLN B 168 12.43 9.12 0.85
C GLN B 168 11.60 9.40 -0.39
N GLU B 169 11.07 8.34 -0.99
CA GLU B 169 10.31 8.47 -2.23
C GLU B 169 8.85 8.09 -2.00
N SER B 170 7.97 8.81 -2.69
CA SER B 170 6.55 8.49 -2.70
CA SER B 170 6.56 8.47 -2.70
C SER B 170 6.08 8.52 -4.14
N VAL B 171 5.15 7.64 -4.47
CA VAL B 171 4.68 7.55 -5.86
C VAL B 171 3.17 7.59 -5.88
N THR B 172 2.61 8.22 -6.91
CA THR B 172 1.16 8.25 -7.06
C THR B 172 0.66 6.95 -7.68
N GLU B 173 -0.64 6.72 -7.52
CA GLU B 173 -1.30 5.63 -8.22
C GLU B 173 -1.33 5.99 -9.70
N GLN B 174 -1.42 4.99 -10.56
CA GLN B 174 -1.38 5.27 -12.00
C GLN B 174 -2.52 6.23 -12.39
N ASP B 175 -2.20 7.26 -13.17
CA ASP B 175 -3.14 8.32 -13.50
C ASP B 175 -4.31 7.81 -14.35
N SER B 176 -5.52 8.21 -13.99
CA SER B 176 -6.73 7.73 -14.66
C SER B 176 -6.85 8.24 -16.10
N LYS B 177 -6.27 9.40 -16.37
CA LYS B 177 -6.37 10.01 -17.70
C LYS B 177 -5.23 9.63 -18.65
N ASP B 178 -3.99 9.64 -18.17
CA ASP B 178 -2.86 9.36 -19.05
C ASP B 178 -2.00 8.14 -18.69
N SER B 179 -2.41 7.43 -17.64
CA SER B 179 -1.75 6.17 -17.23
C SER B 179 -0.26 6.31 -16.86
N THR B 180 0.14 7.52 -16.47
CA THR B 180 1.52 7.72 -16.00
C THR B 180 1.58 7.65 -14.48
N TYR B 181 2.82 7.63 -13.97
CA TYR B 181 3.07 7.78 -12.54
C TYR B 181 3.78 9.11 -12.31
N SER B 182 3.72 9.59 -11.08
CA SER B 182 4.54 10.72 -10.64
C SER B 182 5.20 10.35 -9.32
N LEU B 183 6.35 10.94 -9.04
CA LEU B 183 7.12 10.55 -7.87
C LEU B 183 7.75 11.75 -7.21
N SER B 184 7.80 11.75 -5.88
CA SER B 184 8.55 12.77 -5.17
C SER B 184 9.70 12.09 -4.46
N SER B 185 10.84 12.78 -4.40
CA SER B 185 11.93 12.36 -3.57
C SER B 185 12.25 13.51 -2.64
N THR B 186 12.21 13.27 -1.34
CA THR B 186 12.39 14.35 -0.38
C THR B 186 13.65 14.12 0.45
N LEU B 187 14.56 15.09 0.41
CA LEU B 187 15.80 15.06 1.15
C LEU B 187 15.62 15.90 2.44
N THR B 188 15.77 15.27 3.59
CA THR B 188 15.58 15.95 4.88
C THR B 188 16.91 16.17 5.59
N LEU B 189 17.27 17.43 5.81
CA LEU B 189 18.53 17.76 6.48
C LEU B 189 18.30 18.74 7.62
N SER B 190 19.19 18.72 8.60
CA SER B 190 19.15 19.76 9.61
C SER B 190 19.50 21.08 8.94
N LYS B 191 19.01 22.19 9.48
CA LYS B 191 19.39 23.49 8.95
C LYS B 191 20.92 23.60 8.85
N ALA B 192 21.61 23.14 9.88
CA ALA B 192 23.07 23.20 9.89
C ALA B 192 23.67 22.44 8.72
N ASP B 193 23.19 21.22 8.48
CA ASP B 193 23.74 20.44 7.38
C ASP B 193 23.39 21.06 6.02
N TYR B 194 22.20 21.64 5.91
CA TYR B 194 21.79 22.33 4.70
C TYR B 194 22.70 23.54 4.37
N GLU B 195 22.99 24.35 5.38
CA GLU B 195 23.72 25.59 5.15
C GLU B 195 25.22 25.40 5.00
N LYS B 196 25.68 24.17 5.16
CA LYS B 196 27.09 23.80 4.96
C LYS B 196 27.43 23.56 3.48
N HIS B 197 26.41 23.53 2.62
CA HIS B 197 26.65 23.24 1.21
C HIS B 197 26.04 24.29 0.30
N LYS B 198 26.59 24.41 -0.91
CA LYS B 198 26.11 25.38 -1.88
C LYS B 198 25.14 24.73 -2.87
N VAL B 199 25.54 23.60 -3.46
CA VAL B 199 24.82 23.03 -4.60
C VAL B 199 23.93 21.85 -4.22
N TYR B 200 22.68 21.90 -4.64
CA TYR B 200 21.75 20.77 -4.44
C TYR B 200 21.22 20.33 -5.80
N ALA B 201 21.27 19.03 -6.06
CA ALA B 201 20.88 18.53 -7.38
C ALA B 201 20.20 17.17 -7.28
N CYS B 202 19.21 16.95 -8.14
CA CYS B 202 18.69 15.60 -8.27
C CYS B 202 18.85 15.19 -9.72
N GLU B 203 19.47 14.04 -9.90
CA GLU B 203 19.76 13.52 -11.22
C GLU B 203 18.84 12.33 -11.45
N VAL B 204 18.11 12.39 -12.55
CA VAL B 204 17.08 11.39 -12.85
C VAL B 204 17.43 10.57 -14.07
N THR B 205 17.44 9.25 -13.88
CA THR B 205 17.62 8.31 -14.98
C THR B 205 16.30 7.58 -15.22
N HIS B 206 15.87 7.51 -16.48
CA HIS B 206 14.61 6.87 -16.84
C HIS B 206 14.69 6.40 -18.28
N GLN B 207 13.98 5.32 -18.58
CA GLN B 207 14.03 4.72 -19.92
C GLN B 207 13.68 5.74 -21.02
N GLY B 208 12.84 6.70 -20.67
CA GLY B 208 12.41 7.71 -21.63
C GLY B 208 13.39 8.86 -21.86
N LEU B 209 14.49 8.88 -21.11
CA LEU B 209 15.50 9.95 -21.22
C LEU B 209 16.75 9.40 -21.90
N SER B 210 17.24 10.09 -22.93
CA SER B 210 18.41 9.63 -23.65
C SER B 210 19.67 9.66 -22.79
N SER B 211 19.73 10.63 -21.88
CA SER B 211 20.78 10.69 -20.89
C SER B 211 20.17 11.27 -19.62
N PRO B 212 20.74 10.97 -18.46
CA PRO B 212 20.12 11.47 -17.23
C PRO B 212 19.99 12.99 -17.22
N VAL B 213 18.89 13.49 -16.64
CA VAL B 213 18.66 14.91 -16.52
C VAL B 213 18.94 15.33 -15.09
N THR B 214 19.64 16.45 -14.91
CA THR B 214 19.88 16.94 -13.55
C THR B 214 19.23 18.29 -13.34
N LYS B 215 18.42 18.40 -12.31
CA LYS B 215 17.87 19.69 -11.90
C LYS B 215 18.60 20.11 -10.63
N SER B 216 19.00 21.37 -10.55
CA SER B 216 19.86 21.79 -9.46
C SER B 216 19.59 23.24 -9.09
N PHE B 217 19.99 23.61 -7.89
CA PHE B 217 20.01 25.01 -7.52
C PHE B 217 21.22 25.27 -6.62
N ASN B 218 21.65 26.54 -6.60
CA ASN B 218 22.65 26.99 -5.67
C ASN B 218 21.96 27.79 -4.60
N ARG B 219 22.30 27.52 -3.35
CA ARG B 219 21.77 28.31 -2.25
C ARG B 219 22.16 29.76 -2.53
N GLY B 220 21.18 30.65 -2.56
CA GLY B 220 21.39 32.07 -2.82
C GLY B 220 21.13 32.53 -4.23
N GLU B 221 20.61 31.72 -5.09
CA GLU B 221 20.29 32.25 -6.37
C GLU B 221 18.81 32.59 -6.48
N GLN C 2 -23.98 -13.24 3.21
CA GLN C 2 -24.37 -14.07 4.32
C GLN C 2 -23.24 -14.14 5.33
N ILE C 3 -22.05 -14.61 4.93
CA ILE C 3 -20.96 -14.59 5.89
C ILE C 3 -20.41 -13.18 6.03
N GLN C 4 -20.22 -12.76 7.27
CA GLN C 4 -19.64 -11.46 7.55
C GLN C 4 -18.62 -11.53 8.68
N LEU C 5 -17.53 -10.79 8.52
CA LEU C 5 -16.55 -10.59 9.56
C LEU C 5 -16.38 -9.10 9.71
N VAL C 6 -16.74 -8.57 10.87
CA VAL C 6 -16.71 -7.14 11.13
C VAL C 6 -15.57 -6.81 12.08
N GLN C 7 -14.58 -6.04 11.61
CA GLN C 7 -13.44 -5.69 12.47
C GLN C 7 -13.57 -4.31 13.09
N SER C 8 -12.87 -4.10 14.19
CA SER C 8 -12.87 -2.82 14.89
C SER C 8 -12.09 -1.76 14.12
N GLY C 9 -12.25 -0.49 14.48
CA GLY C 9 -11.75 0.61 13.69
C GLY C 9 -10.25 0.82 13.82
N PRO C 10 -9.70 1.82 13.11
CA PRO C 10 -8.26 2.07 13.10
C PRO C 10 -7.72 2.36 14.49
N GLU C 11 -6.48 1.94 14.72
CA GLU C 11 -5.85 2.09 16.03
C GLU C 11 -4.58 2.92 15.93
N LEU C 12 -4.38 3.79 16.91
CA LEU C 12 -3.19 4.60 17.00
C LEU C 12 -2.57 4.31 18.34
N LYS C 13 -1.32 3.86 18.33
CA LYS C 13 -0.69 3.38 19.55
C LYS C 13 0.75 3.87 19.68
N LYS C 14 1.21 4.00 20.90
CA LYS C 14 2.60 4.35 21.15
C LYS C 14 3.42 3.10 21.42
N PRO C 15 4.73 3.16 21.17
CA PRO C 15 5.57 1.99 21.42
C PRO C 15 5.40 1.46 22.85
N GLY C 16 5.36 0.15 23.00
CA GLY C 16 5.24 -0.48 24.31
C GLY C 16 3.81 -0.73 24.73
N GLU C 17 2.87 -0.12 24.02
CA GLU C 17 1.47 -0.30 24.38
C GLU C 17 0.90 -1.64 23.89
N THR C 18 -0.31 -1.95 24.32
CA THR C 18 -1.04 -3.09 23.81
C THR C 18 -2.20 -2.59 22.93
N VAL C 19 -2.46 -3.31 21.83
CA VAL C 19 -3.67 -3.05 21.05
C VAL C 19 -4.52 -4.31 21.04
N LYS C 20 -5.84 -4.14 21.07
CA LYS C 20 -6.76 -5.27 21.00
C LYS C 20 -7.74 -5.05 19.83
N ILE C 21 -7.72 -5.97 18.87
CA ILE C 21 -8.50 -5.85 17.64
C ILE C 21 -9.55 -6.94 17.62
N SER C 22 -10.80 -6.58 17.34
CA SER C 22 -11.89 -7.54 17.39
C SER C 22 -12.38 -7.91 16.00
N CYS C 23 -12.87 -9.14 15.89
CA CYS C 23 -13.38 -9.69 14.65
C CYS C 23 -14.70 -10.36 14.97
N LYS C 24 -15.80 -9.70 14.62
CA LYS C 24 -17.13 -10.20 14.97
C LYS C 24 -17.76 -10.94 13.79
N ALA C 25 -18.02 -12.23 14.00
CA ALA C 25 -18.46 -13.11 12.92
C ALA C 25 -19.97 -13.33 12.93
N SER C 26 -20.53 -13.46 11.71
CA SER C 26 -21.95 -13.79 11.55
C SER C 26 -22.19 -14.55 10.25
N GLY C 27 -23.35 -15.21 10.17
CA GLY C 27 -23.75 -15.90 8.97
C GLY C 27 -23.39 -17.37 8.89
N TYR C 28 -22.76 -17.88 9.95
CA TYR C 28 -22.38 -19.29 10.02
C TYR C 28 -22.13 -19.66 11.49
N THR C 29 -21.92 -20.95 11.75
CA THR C 29 -21.66 -21.41 13.12
C THR C 29 -20.23 -21.10 13.55
N PHE C 30 -20.08 -20.10 14.40
CA PHE C 30 -18.76 -19.57 14.80
C PHE C 30 -17.78 -20.62 15.27
N THR C 31 -18.24 -21.56 16.08
CA THR C 31 -17.36 -22.52 16.72
C THR C 31 -17.00 -23.73 15.85
N ASP C 32 -17.49 -23.76 14.62
CA ASP C 32 -17.20 -24.90 13.74
C ASP C 32 -15.95 -24.70 12.87
N TYR C 33 -15.55 -23.44 12.66
CA TYR C 33 -14.49 -23.13 11.69
C TYR C 33 -13.44 -22.19 12.26
N SER C 34 -12.18 -22.42 11.88
CA SER C 34 -11.09 -21.68 12.48
C SER C 34 -11.07 -20.25 11.98
N VAL C 35 -10.59 -19.36 12.84
CA VAL C 35 -10.31 -17.98 12.42
C VAL C 35 -8.80 -17.80 12.30
N HIS C 36 -8.35 -17.28 11.16
CA HIS C 36 -6.94 -17.01 10.92
C HIS C 36 -6.67 -15.50 10.98
N TRP C 37 -5.44 -15.13 11.26
CA TRP C 37 -5.01 -13.74 11.30
C TRP C 37 -3.85 -13.52 10.34
N VAL C 38 -3.94 -12.42 9.58
CA VAL C 38 -2.95 -12.09 8.57
C VAL C 38 -2.51 -10.63 8.66
N LYS C 39 -1.20 -10.41 8.55
CA LYS C 39 -0.62 -9.07 8.62
C LYS C 39 -0.25 -8.60 7.22
N GLN C 40 -0.56 -7.35 6.90
CA GLN C 40 -0.13 -6.80 5.61
C GLN C 40 0.48 -5.43 5.77
N VAL C 41 1.74 -5.31 5.37
CA VAL C 41 2.40 -4.03 5.25
CA VAL C 41 2.50 -4.03 5.27
C VAL C 41 2.47 -3.62 3.78
N PRO C 42 2.04 -2.41 3.47
CA PRO C 42 2.03 -1.90 2.08
C PRO C 42 3.31 -2.23 1.32
N GLY C 45 3.43 -7.28 1.02
CA GLY C 45 2.75 -8.55 0.89
C GLY C 45 2.05 -9.04 2.15
N LEU C 46 1.55 -10.28 2.09
CA LEU C 46 0.76 -10.83 3.18
C LEU C 46 1.54 -11.84 4.01
N LYS C 47 1.37 -11.79 5.34
CA LYS C 47 2.04 -12.72 6.23
C LYS C 47 1.05 -13.37 7.17
N TRP C 48 1.00 -14.70 7.13
CA TRP C 48 0.13 -15.49 8.00
C TRP C 48 0.64 -15.48 9.43
N MET C 49 -0.22 -15.14 10.39
CA MET C 49 0.21 -15.01 11.78
C MET C 49 -0.11 -16.26 12.59
N GLY C 50 -1.12 -17.00 12.12
CA GLY C 50 -1.58 -18.18 12.85
C GLY C 50 -3.09 -18.31 12.82
N TRP C 51 -3.61 -19.19 13.65
CA TRP C 51 -5.04 -19.41 13.72
C TRP C 51 -5.47 -19.70 15.15
N ILE C 52 -6.77 -19.57 15.39
CA ILE C 52 -7.33 -19.98 16.67
C ILE C 52 -8.43 -21.01 16.45
N ASN C 53 -8.41 -22.03 17.31
CA ASN C 53 -9.43 -23.06 17.29
C ASN C 53 -10.65 -22.47 17.97
N THR C 54 -11.73 -22.29 17.21
CA THR C 54 -12.89 -21.57 17.75
C THR C 54 -13.75 -22.44 18.65
N GLU C 55 -13.40 -23.72 18.75
CA GLU C 55 -14.12 -24.62 19.64
C GLU C 55 -13.44 -24.76 21.00
N THR C 56 -12.12 -24.84 20.99
CA THR C 56 -11.36 -25.06 22.21
C THR C 56 -10.73 -23.79 22.72
N GLY C 57 -10.54 -22.83 21.82
CA GLY C 57 -9.92 -21.56 22.15
C GLY C 57 -8.41 -21.60 22.04
N GLU C 58 -7.88 -22.77 21.66
CA GLU C 58 -6.43 -22.94 21.56
C GLU C 58 -5.83 -22.19 20.35
N PRO C 59 -4.86 -21.31 20.60
CA PRO C 59 -4.23 -20.56 19.51
C PRO C 59 -2.99 -21.29 19.00
N THR C 60 -2.68 -21.12 17.72
CA THR C 60 -1.43 -21.62 17.17
C THR C 60 -0.79 -20.45 16.42
N TYR C 61 0.46 -20.15 16.78
CA TYR C 61 1.17 -18.99 16.23
C TYR C 61 2.25 -19.41 15.25
N ALA C 62 2.33 -18.66 14.16
CA ALA C 62 3.44 -18.81 13.22
C ALA C 62 4.74 -18.41 13.92
N ASP C 63 5.85 -18.96 13.44
CA ASP C 63 7.16 -18.74 14.04
C ASP C 63 7.51 -17.28 14.32
N ASP C 64 7.16 -16.39 13.39
CA ASP C 64 7.49 -14.97 13.50
C ASP C 64 6.58 -14.20 14.44
N PHE C 65 5.59 -14.89 15.01
CA PHE C 65 4.60 -14.23 15.86
C PHE C 65 4.41 -14.89 17.22
N LYS C 66 5.51 -15.32 17.85
CA LYS C 66 5.42 -16.22 19.00
C LYS C 66 5.38 -15.65 20.42
N GLY C 67 5.88 -14.45 20.65
CA GLY C 67 5.95 -13.95 22.02
C GLY C 67 4.90 -12.91 22.38
N ARG C 68 4.79 -11.89 21.53
CA ARG C 68 4.02 -10.68 21.80
C ARG C 68 2.58 -10.71 21.30
N PHE C 69 2.18 -11.83 20.68
CA PHE C 69 0.88 -11.92 20.02
C PHE C 69 -0.04 -12.92 20.72
N ALA C 70 -1.31 -12.55 20.85
CA ALA C 70 -2.28 -13.39 21.54
C ALA C 70 -3.63 -13.40 20.83
N PHE C 71 -4.11 -14.60 20.48
CA PHE C 71 -5.43 -14.75 19.91
C PHE C 71 -6.37 -15.19 21.03
N SER C 72 -7.57 -14.63 21.07
CA SER C 72 -8.55 -15.10 22.05
C SER C 72 -9.95 -15.08 21.46
N LEU C 73 -10.93 -15.53 22.25
CA LEU C 73 -12.31 -15.58 21.80
C LEU C 73 -13.25 -15.01 22.84
N GLU C 74 -14.35 -14.43 22.39
CA GLU C 74 -15.54 -14.30 23.23
C GLU C 74 -16.62 -15.04 22.47
N SER C 75 -16.68 -16.34 22.68
CA SER C 75 -17.47 -17.23 21.85
CA SER C 75 -17.37 -17.24 21.86
C SER C 75 -18.96 -16.92 21.81
N SER C 76 -19.53 -16.53 22.95
CA SER C 76 -20.96 -16.25 22.99
C SER C 76 -21.29 -15.05 22.10
N ALA C 77 -20.31 -14.19 21.85
CA ALA C 77 -20.51 -13.05 20.96
C ALA C 77 -19.99 -13.34 19.55
N SER C 78 -19.61 -14.59 19.29
CA SER C 78 -19.07 -14.96 17.99
C SER C 78 -17.96 -14.00 17.60
N THR C 79 -17.06 -13.70 18.55
CA THR C 79 -16.01 -12.73 18.28
C THR C 79 -14.63 -13.28 18.59
N ALA C 80 -13.70 -13.06 17.67
CA ALA C 80 -12.29 -13.40 17.85
C ALA C 80 -11.49 -12.12 18.10
N TYR C 81 -10.44 -12.21 18.91
CA TYR C 81 -9.63 -11.04 19.25
C TYR C 81 -8.18 -11.29 18.92
N LEU C 82 -7.51 -10.23 18.48
CA LEU C 82 -6.06 -10.26 18.31
C LEU C 82 -5.46 -9.22 19.22
N GLU C 83 -4.51 -9.63 20.04
CA GLU C 83 -3.81 -8.67 20.87
C GLU C 83 -2.36 -8.66 20.46
N ILE C 84 -1.79 -7.45 20.39
CA ILE C 84 -0.37 -7.33 20.19
C ILE C 84 0.17 -6.50 21.35
N HIS C 85 1.12 -7.07 22.09
CA HIS C 85 1.69 -6.41 23.26
C HIS C 85 3.07 -5.85 22.95
N ASN C 86 3.54 -4.95 23.81
CA ASN C 86 4.85 -4.34 23.62
C ASN C 86 5.05 -3.84 22.19
N LEU C 87 4.12 -3.03 21.73
CA LEU C 87 4.10 -2.59 20.33
C LEU C 87 5.41 -1.96 19.90
N LYS C 88 5.79 -2.25 18.66
CA LYS C 88 7.03 -1.76 18.07
C LYS C 88 6.71 -1.15 16.73
N ASN C 89 7.62 -0.33 16.21
CA ASN C 89 7.34 0.35 14.94
C ASN C 89 7.02 -0.62 13.80
N GLU C 90 7.64 -1.80 13.81
CA GLU C 90 7.40 -2.83 12.79
C GLU C 90 5.99 -3.44 12.82
N ASP C 91 5.22 -3.13 13.86
CA ASP C 91 3.85 -3.65 13.95
C ASP C 91 2.87 -2.78 13.16
N THR C 92 3.31 -1.62 12.70
CA THR C 92 2.46 -0.78 11.90
C THR C 92 2.05 -1.52 10.63
N ALA C 93 0.74 -1.72 10.46
CA ALA C 93 0.24 -2.56 9.38
C ALA C 93 -1.28 -2.62 9.39
N THR C 94 -1.83 -3.34 8.42
CA THR C 94 -3.23 -3.72 8.42
C THR C 94 -3.33 -5.18 8.87
N TYR C 95 -4.26 -5.46 9.78
CA TYR C 95 -4.49 -6.83 10.26
C TYR C 95 -5.84 -7.33 9.82
N PHE C 96 -5.87 -8.55 9.28
CA PHE C 96 -7.11 -9.16 8.79
C PHE C 96 -7.44 -10.39 9.59
N CYS C 97 -8.70 -10.58 9.96
CA CYS C 97 -9.12 -11.91 10.37
C CYS C 97 -9.69 -12.57 9.14
N ALA C 98 -9.72 -13.90 9.12
CA ALA C 98 -10.25 -14.61 7.97
C ALA C 98 -10.89 -15.90 8.40
N LEU C 99 -11.98 -16.25 7.75
CA LEU C 99 -12.61 -17.56 7.93
C LEU C 99 -11.87 -18.53 7.01
N GLY C 100 -10.73 -19.04 7.49
CA GLY C 100 -9.82 -19.79 6.65
C GLY C 100 -9.53 -19.06 5.36
N TRP C 101 -9.58 -19.76 4.24
CA TRP C 101 -9.32 -19.19 2.93
C TRP C 101 -10.59 -18.59 2.31
N LEU C 102 -11.72 -18.75 2.98
CA LEU C 102 -13.02 -18.49 2.32
C LEU C 102 -13.42 -17.04 2.31
N HIS C 103 -13.14 -16.32 3.38
CA HIS C 103 -13.70 -14.98 3.56
C HIS C 103 -12.81 -14.15 4.48
N TRP C 104 -12.45 -12.96 4.02
CA TRP C 104 -11.61 -12.05 4.79
C TRP C 104 -12.43 -10.93 5.39
N GLY C 105 -12.05 -10.49 6.59
CA GLY C 105 -12.60 -9.30 7.19
C GLY C 105 -12.10 -8.08 6.43
N LEU C 106 -12.65 -6.92 6.75
CA LEU C 106 -12.29 -5.69 6.04
C LEU C 106 -10.93 -5.15 6.47
N GLY C 107 -10.38 -5.70 7.54
CA GLY C 107 -9.08 -5.30 8.04
C GLY C 107 -9.12 -4.17 9.03
N THR C 108 -8.09 -4.10 9.88
CA THR C 108 -7.94 -3.02 10.85
C THR C 108 -6.54 -2.46 10.70
N THR C 109 -6.41 -1.15 10.49
CA THR C 109 -5.10 -0.52 10.40
C THR C 109 -4.55 -0.19 11.80
N LEU C 110 -3.24 -0.33 11.95
CA LEU C 110 -2.57 -0.01 13.20
C LEU C 110 -1.37 0.86 12.88
N THR C 111 -1.26 1.99 13.55
CA THR C 111 -0.09 2.83 13.41
C THR C 111 0.57 2.95 14.78
N VAL C 112 1.83 2.56 14.85
CA VAL C 112 2.63 2.73 16.06
C VAL C 112 3.53 3.95 15.91
N SER C 113 3.41 4.91 16.82
CA SER C 113 4.22 6.11 16.76
C SER C 113 4.33 6.70 18.16
N SER C 114 5.44 7.34 18.46
CA SER C 114 5.58 8.03 19.74
C SER C 114 4.75 9.31 19.75
N ALA C 115 4.21 9.69 18.59
CA ALA C 115 3.53 10.98 18.46
C ALA C 115 2.13 11.02 19.05
N SER C 116 1.68 12.23 19.38
CA SER C 116 0.32 12.54 19.76
C SER C 116 -0.26 13.45 18.66
N THR C 117 -1.57 13.69 18.70
CA THR C 117 -2.20 14.55 17.71
C THR C 117 -1.43 15.85 17.54
N LYS C 118 -1.22 16.25 16.28
CA LYS C 118 -0.40 17.40 15.96
C LYS C 118 -0.79 17.94 14.59
N GLY C 119 -1.02 19.24 14.51
CA GLY C 119 -1.39 19.87 13.25
C GLY C 119 -0.19 20.03 12.33
N PRO C 120 -0.44 20.02 11.01
CA PRO C 120 0.65 20.19 10.03
C PRO C 120 1.16 21.63 9.92
N SER C 121 2.42 21.75 9.55
CA SER C 121 2.96 23.01 9.04
C SER C 121 2.90 22.88 7.53
N VAL C 122 2.60 23.98 6.84
CA VAL C 122 2.46 23.91 5.39
C VAL C 122 3.44 24.90 4.80
N PHE C 123 4.33 24.40 3.95
CA PHE C 123 5.37 25.23 3.36
C PHE C 123 5.19 25.22 1.86
N PRO C 124 5.58 26.34 1.21
CA PRO C 124 5.46 26.41 -0.25
C PRO C 124 6.55 25.62 -0.96
N LEU C 125 6.18 25.00 -2.07
CA LEU C 125 7.15 24.45 -3.00
C LEU C 125 7.11 25.41 -4.17
N ALA C 126 8.05 26.36 -4.19
CA ALA C 126 7.89 27.53 -5.06
C ALA C 126 8.42 27.31 -6.47
N PRO C 127 7.66 27.75 -7.48
CA PRO C 127 8.10 27.67 -8.88
C PRO C 127 9.32 28.53 -9.13
N GLY C 134 11.54 25.61 -20.61
CA GLY C 134 10.22 25.32 -21.14
C GLY C 134 9.14 26.18 -20.53
N GLY C 135 7.91 26.00 -21.00
CA GLY C 135 6.79 26.81 -20.56
C GLY C 135 5.89 26.12 -19.54
N THR C 136 6.41 25.08 -18.90
CA THR C 136 5.67 24.44 -17.83
C THR C 136 6.32 24.70 -16.48
N ALA C 137 5.54 25.21 -15.53
CA ALA C 137 6.03 25.43 -14.18
C ALA C 137 5.42 24.40 -13.25
N ALA C 138 6.15 24.03 -12.21
CA ALA C 138 5.59 23.18 -11.18
C ALA C 138 5.60 23.95 -9.87
N LEU C 139 4.55 23.76 -9.07
CA LEU C 139 4.47 24.37 -7.76
C LEU C 139 3.73 23.42 -6.80
N GLY C 140 3.79 23.70 -5.52
CA GLY C 140 3.10 22.83 -4.59
C GLY C 140 3.14 23.28 -3.16
N CYS C 141 2.69 22.38 -2.28
CA CYS C 141 2.72 22.58 -0.83
C CYS C 141 3.28 21.36 -0.14
N LEU C 142 4.24 21.59 0.76
CA LEU C 142 4.79 20.52 1.58
C LEU C 142 4.01 20.55 2.88
N VAL C 143 3.35 19.45 3.19
CA VAL C 143 2.47 19.37 4.36
C VAL C 143 3.19 18.53 5.37
N LYS C 144 3.77 19.15 6.39
CA LYS C 144 4.78 18.46 7.14
C LYS C 144 4.45 18.30 8.62
N ASP C 145 4.82 17.14 9.15
CA ASP C 145 4.87 16.92 10.60
C ASP C 145 3.51 16.95 11.30
N TYR C 146 2.58 16.13 10.83
CA TYR C 146 1.26 16.07 11.42
C TYR C 146 0.97 14.65 11.92
N PHE C 147 -0.04 14.51 12.77
CA PHE C 147 -0.46 13.20 13.27
C PHE C 147 -1.87 13.32 13.84
N PRO C 148 -2.74 12.34 13.56
CA PRO C 148 -2.49 11.19 12.68
C PRO C 148 -3.01 11.47 11.28
N GLU C 149 -3.04 10.46 10.43
CA GLU C 149 -3.75 10.58 9.16
C GLU C 149 -5.24 10.80 9.43
N PRO C 150 -5.97 11.38 8.46
CA PRO C 150 -5.50 11.87 7.17
C PRO C 150 -5.49 13.39 7.12
N VAL C 151 -4.94 13.93 6.04
CA VAL C 151 -5.16 15.32 5.68
C VAL C 151 -5.84 15.32 4.32
N THR C 152 -6.54 16.41 4.01
CA THR C 152 -7.08 16.57 2.67
C THR C 152 -6.42 17.80 2.08
N VAL C 153 -6.15 17.74 0.78
CA VAL C 153 -5.57 18.90 0.08
C VAL C 153 -6.36 19.16 -1.19
N SER C 154 -6.70 20.42 -1.42
CA SER C 154 -7.25 20.81 -2.70
C SER C 154 -6.48 22.02 -3.19
N TRP C 155 -6.70 22.40 -4.44
CA TRP C 155 -6.08 23.58 -5.00
C TRP C 155 -7.17 24.54 -5.48
N ASN C 156 -7.04 25.80 -5.12
CA ASN C 156 -8.03 26.81 -5.47
C ASN C 156 -9.46 26.34 -5.20
N SER C 157 -9.63 25.74 -4.02
CA SER C 157 -10.94 25.30 -3.52
C SER C 157 -11.65 24.29 -4.42
N GLY C 158 -10.86 23.45 -5.07
CA GLY C 158 -11.41 22.44 -5.94
C GLY C 158 -11.53 22.86 -7.39
N ALA C 159 -11.27 24.15 -7.68
CA ALA C 159 -11.36 24.67 -9.05
C ALA C 159 -10.18 24.22 -9.91
N LEU C 160 -9.05 23.91 -9.27
CA LEU C 160 -7.88 23.41 -9.99
C LEU C 160 -7.68 21.93 -9.65
N THR C 161 -7.87 21.08 -10.66
CA THR C 161 -7.77 19.64 -10.50
C THR C 161 -6.82 19.04 -11.53
N SER C 162 -6.83 19.58 -12.75
CA SER C 162 -5.92 19.10 -13.79
C SER C 162 -4.44 19.27 -13.43
N GLY C 163 -3.69 18.18 -13.50
CA GLY C 163 -2.27 18.20 -13.26
C GLY C 163 -1.88 18.13 -11.79
N VAL C 164 -2.88 18.01 -10.92
CA VAL C 164 -2.63 17.93 -9.49
C VAL C 164 -2.20 16.52 -9.11
N HIS C 165 -1.11 16.43 -8.35
CA HIS C 165 -0.72 15.16 -7.73
C HIS C 165 -0.49 15.36 -6.24
N THR C 166 -1.34 14.74 -5.43
CA THR C 166 -1.15 14.72 -3.98
C THR C 166 -0.58 13.37 -3.60
N PHE C 167 0.67 13.38 -3.14
CA PHE C 167 1.38 12.14 -2.85
C PHE C 167 0.85 11.47 -1.59
N PRO C 168 0.90 10.14 -1.55
CA PRO C 168 0.58 9.48 -0.29
C PRO C 168 1.54 9.92 0.82
N ALA C 169 1.01 10.02 2.03
CA ALA C 169 1.83 10.45 3.15
C ALA C 169 2.85 9.39 3.54
N VAL C 170 4.00 9.83 4.04
CA VAL C 170 4.97 8.93 4.62
CA VAL C 170 4.98 8.94 4.63
C VAL C 170 5.03 9.17 6.13
N LEU C 171 5.09 8.08 6.89
CA LEU C 171 5.32 8.18 8.34
C LEU C 171 6.82 8.30 8.57
N GLN C 172 7.26 9.50 8.91
CA GLN C 172 8.68 9.82 9.03
C GLN C 172 9.36 9.17 10.24
N SER C 173 10.70 9.24 10.26
CA SER C 173 11.49 8.74 11.37
C SER C 173 11.07 9.36 12.70
N SER C 174 10.49 10.55 12.62
CA SER C 174 10.05 11.29 13.81
C SER C 174 8.72 10.76 14.35
N GLY C 175 8.06 9.89 13.60
CA GLY C 175 6.74 9.40 13.98
C GLY C 175 5.62 10.33 13.54
N LEU C 176 5.97 11.36 12.76
CA LEU C 176 4.99 12.27 12.18
C LEU C 176 4.89 12.04 10.68
N TYR C 177 3.72 12.32 10.12
CA TYR C 177 3.51 12.18 8.68
C TYR C 177 3.95 13.42 7.93
N SER C 178 4.32 13.24 6.67
CA SER C 178 4.51 14.36 5.76
CA SER C 178 4.51 14.35 5.75
C SER C 178 4.06 13.90 4.36
N LEU C 179 3.63 14.87 3.56
CA LEU C 179 3.35 14.63 2.14
C LEU C 179 3.52 15.92 1.37
N SER C 180 3.68 15.82 0.05
CA SER C 180 3.63 17.02 -0.82
C SER C 180 2.44 16.92 -1.78
N SER C 181 1.85 18.05 -2.10
CA SER C 181 0.87 18.11 -3.17
C SER C 181 1.43 19.08 -4.21
N VAL C 182 1.46 18.67 -5.47
CA VAL C 182 2.05 19.51 -6.52
C VAL C 182 1.09 19.68 -7.67
N VAL C 183 1.34 20.67 -8.51
CA VAL C 183 0.55 20.83 -9.72
C VAL C 183 1.41 21.47 -10.78
N THR C 184 1.20 21.08 -12.03
CA THR C 184 1.88 21.77 -13.12
C THR C 184 0.94 22.73 -13.82
N VAL C 185 1.48 23.91 -14.15
CA VAL C 185 0.70 24.97 -14.79
C VAL C 185 1.57 25.68 -15.82
N PRO C 186 0.93 26.48 -16.70
CA PRO C 186 1.76 27.21 -17.66
C PRO C 186 2.62 28.28 -16.97
N SER C 187 3.89 28.39 -17.35
CA SER C 187 4.79 29.42 -16.85
C SER C 187 4.16 30.81 -16.88
N SER C 188 3.29 31.04 -17.86
CA SER C 188 2.70 32.37 -18.06
C SER C 188 1.49 32.64 -17.15
N SER C 189 1.09 31.62 -16.38
CA SER C 189 -0.01 31.77 -15.44
C SER C 189 0.52 32.29 -14.11
N LEU C 190 1.83 32.29 -13.97
CA LEU C 190 2.46 32.64 -12.71
C LEU C 190 2.18 34.09 -12.33
N GLY C 191 2.08 34.95 -13.34
CA GLY C 191 1.82 36.35 -13.10
C GLY C 191 0.35 36.71 -13.14
N THR C 192 -0.47 35.83 -13.69
CA THR C 192 -1.87 36.16 -13.91
C THR C 192 -2.87 35.38 -13.06
N GLN C 193 -2.38 34.57 -12.12
CA GLN C 193 -3.27 33.73 -11.35
C GLN C 193 -2.69 33.35 -9.98
N THR C 194 -3.56 33.26 -8.98
CA THR C 194 -3.17 32.80 -7.66
C THR C 194 -3.33 31.29 -7.54
N TYR C 195 -2.37 30.66 -6.89
CA TYR C 195 -2.43 29.23 -6.61
C TYR C 195 -2.35 29.04 -5.12
N ILE C 196 -3.42 28.51 -4.55
CA ILE C 196 -3.51 28.33 -3.10
C ILE C 196 -3.84 26.88 -2.79
N CYS C 197 -3.09 26.27 -1.90
CA CYS C 197 -3.42 24.91 -1.51
C CYS C 197 -4.26 24.97 -0.24
N ASN C 198 -5.34 24.19 -0.23
CA ASN C 198 -6.24 24.14 0.92
C ASN C 198 -6.00 22.84 1.69
N VAL C 199 -5.47 22.95 2.91
CA VAL C 199 -5.08 21.78 3.67
C VAL C 199 -5.96 21.71 4.91
N ASN C 200 -6.62 20.56 5.09
CA ASN C 200 -7.46 20.36 6.27
C ASN C 200 -6.96 19.16 7.06
N HIS C 201 -6.75 19.35 8.35
CA HIS C 201 -6.43 18.24 9.23
C HIS C 201 -7.42 18.26 10.40
N LYS C 202 -8.47 17.45 10.27
CA LYS C 202 -9.57 17.51 11.23
C LYS C 202 -9.21 17.24 12.69
N PRO C 203 -8.34 16.23 12.95
CA PRO C 203 -8.03 15.90 14.35
C PRO C 203 -7.46 17.06 15.14
N SER C 204 -6.86 18.04 14.47
CA SER C 204 -6.25 19.17 15.16
C SER C 204 -7.01 20.47 14.85
N ASN C 205 -8.11 20.33 14.14
CA ASN C 205 -8.91 21.46 13.68
C ASN C 205 -8.10 22.46 12.86
N THR C 206 -7.07 21.95 12.20
CA THR C 206 -6.20 22.81 11.42
C THR C 206 -6.73 22.94 10.00
N LYS C 207 -6.91 24.18 9.56
CA LYS C 207 -7.24 24.46 8.18
C LYS C 207 -6.33 25.58 7.72
N VAL C 208 -5.55 25.31 6.68
CA VAL C 208 -4.57 26.26 6.20
C VAL C 208 -4.79 26.45 4.71
N ASP C 209 -4.82 27.70 4.27
CA ASP C 209 -4.82 27.98 2.84
C ASP C 209 -3.54 28.70 2.53
N LYS C 210 -2.62 28.01 1.86
CA LYS C 210 -1.29 28.54 1.62
C LYS C 210 -1.13 29.06 0.19
N ARG C 211 -0.92 30.35 0.05
CA ARG C 211 -0.70 30.94 -1.27
C ARG C 211 0.74 30.70 -1.70
N VAL C 212 0.92 30.13 -2.88
CA VAL C 212 2.26 29.76 -3.35
C VAL C 212 2.72 30.67 -4.47
N GLU C 213 3.78 31.42 -4.20
CA GLU C 213 4.29 32.43 -5.13
C GLU C 213 5.75 32.16 -5.50
N PRO C 214 6.14 32.58 -6.72
CA PRO C 214 7.53 32.42 -7.19
C PRO C 214 8.57 32.87 -6.17
#